data_2FYX
#
_entry.id   2FYX
#
_cell.length_a   66.787
_cell.length_b   66.787
_cell.length_c   81.180
_cell.angle_alpha   90.000
_cell.angle_beta   90.000
_cell.angle_gamma   120.000
#
_symmetry.space_group_name_H-M   'P 32'
#
loop_
_entity.id
_entity.type
_entity.pdbx_description
1 polymer 'transposase, putative'
2 non-polymer GLYCEROL
3 water water
#
_entity_poly.entity_id   1
_entity_poly.type   'polypeptide(L)'
_entity_poly.pdbx_seq_one_letter_code
;MGSDKIHHHHHHMKKGRGYVYKLEYHLIWATKYRHQVLVDEVADGLKDILRDIATQNGLELVALEVMPDYVHLLLGATPQ
HVIPDFVKALKGASARRMFSAFPHLKQPHWGGNLWNPSYCVLTVSEHTRAQIQQYIENQHAAE
;
_entity_poly.pdbx_strand_id   A,B
#
loop_
_chem_comp.id
_chem_comp.type
_chem_comp.name
_chem_comp.formula
GOL non-polymer GLYCEROL 'C3 H8 O3'
#
# COMPACT_ATOMS: atom_id res chain seq x y z
N MET A 13 -9.41 9.91 5.70
CA MET A 13 -9.45 8.46 6.09
C MET A 13 -10.85 7.89 5.94
N LYS A 14 -10.93 6.65 5.45
CA LYS A 14 -12.19 5.97 5.27
C LYS A 14 -12.30 4.89 6.32
N LYS A 15 -13.51 4.50 6.68
CA LYS A 15 -13.65 3.44 7.69
C LYS A 15 -14.30 2.25 7.03
N GLY A 16 -13.77 1.06 7.28
CA GLY A 16 -14.34 -0.18 6.79
C GLY A 16 -14.76 -0.98 8.00
N ARG A 17 -15.05 -2.27 7.81
CA ARG A 17 -15.45 -3.15 8.95
C ARG A 17 -14.24 -3.64 9.75
N GLY A 18 -13.93 -2.95 10.85
CA GLY A 18 -12.76 -3.26 11.68
C GLY A 18 -11.50 -2.49 11.33
N TYR A 19 -11.61 -1.47 10.50
CA TYR A 19 -10.44 -0.77 10.12
C TYR A 19 -10.70 0.62 9.60
N VAL A 20 -9.65 1.43 9.77
CA VAL A 20 -9.59 2.76 9.25
C VAL A 20 -8.40 2.84 8.33
N TYR A 21 -8.54 3.53 7.22
CA TYR A 21 -7.49 3.58 6.24
C TYR A 21 -7.50 4.75 5.27
N LYS A 22 -6.32 5.00 4.76
CA LYS A 22 -6.11 5.88 3.65
C LYS A 22 -4.85 5.41 2.97
N LEU A 23 -5.02 4.90 1.76
CA LEU A 23 -4.01 4.20 1.03
C LEU A 23 -3.95 4.77 -0.37
N GLU A 24 -2.81 5.34 -0.76
CA GLU A 24 -2.64 5.85 -2.12
C GLU A 24 -1.34 5.27 -2.67
N TYR A 25 -1.41 4.86 -3.91
CA TYR A 25 -0.29 4.32 -4.63
C TYR A 25 -0.08 5.10 -5.91
N HIS A 26 1.18 5.49 -6.14
CA HIS A 26 1.62 5.90 -7.46
C HIS A 26 1.91 4.67 -8.26
N LEU A 27 1.35 4.60 -9.46
CA LEU A 27 1.53 3.45 -10.33
C LEU A 27 1.90 3.96 -11.70
N ILE A 28 3.00 3.41 -12.20
CA ILE A 28 3.62 3.91 -13.41
C ILE A 28 3.95 2.74 -14.32
N TRP A 29 3.70 2.90 -15.64
CA TRP A 29 4.25 1.94 -16.57
C TRP A 29 4.39 2.67 -17.91
N ALA A 30 5.20 2.07 -18.77
CA ALA A 30 5.59 2.67 -20.05
C ALA A 30 4.99 1.91 -21.19
N THR A 31 4.95 2.57 -22.35
CA THR A 31 4.66 1.89 -23.61
C THR A 31 5.82 1.01 -23.96
N LYS A 32 5.59 0.04 -24.85
CA LYS A 32 6.69 -0.83 -25.30
C LYS A 32 7.75 -0.01 -26.02
N TYR A 33 9.02 -0.23 -25.64
CA TYR A 33 10.17 0.49 -26.22
C TYR A 33 10.06 1.99 -26.06
N ARG A 34 9.22 2.41 -25.13
CA ARG A 34 8.91 3.81 -24.92
C ARG A 34 8.52 4.51 -26.24
N HIS A 35 7.78 3.82 -27.11
CA HIS A 35 7.23 4.42 -28.33
C HIS A 35 6.28 5.52 -27.90
N GLN A 36 6.45 6.70 -28.49
CA GLN A 36 5.70 7.90 -28.10
C GLN A 36 4.35 7.99 -28.77
N VAL A 37 3.44 7.09 -28.40
CA VAL A 37 2.13 6.95 -29.10
C VAL A 37 0.97 7.58 -28.34
N LEU A 38 1.16 7.86 -27.03
CA LEU A 38 0.08 8.36 -26.17
C LEU A 38 0.02 9.87 -26.31
N VAL A 39 -0.53 10.29 -27.43
CA VAL A 39 -0.61 11.70 -27.78
C VAL A 39 -1.99 12.05 -28.28
N ASP A 40 -2.37 13.30 -28.07
CA ASP A 40 -3.59 13.87 -28.57
C ASP A 40 -4.80 13.03 -28.22
N GLU A 41 -5.58 12.61 -29.22
CA GLU A 41 -6.82 11.85 -28.97
C GLU A 41 -6.54 10.46 -28.36
N VAL A 42 -5.36 9.95 -28.59
CA VAL A 42 -4.98 8.67 -28.04
C VAL A 42 -4.77 8.81 -26.54
N ALA A 43 -4.02 9.85 -26.16
CA ALA A 43 -3.84 10.17 -24.74
C ALA A 43 -5.19 10.45 -24.08
N ASP A 44 -6.04 11.25 -24.76
CA ASP A 44 -7.40 11.55 -24.25
C ASP A 44 -8.25 10.34 -24.03
N GLY A 45 -8.24 9.44 -25.00
CA GLY A 45 -8.94 8.14 -24.89
C GLY A 45 -8.45 7.29 -23.74
N LEU A 46 -7.15 7.22 -23.58
CA LEU A 46 -6.56 6.44 -22.50
C LEU A 46 -6.96 6.95 -21.13
N LYS A 47 -7.04 8.27 -20.97
CA LYS A 47 -7.49 8.84 -19.69
C LYS A 47 -8.89 8.37 -19.35
N ASP A 48 -9.76 8.43 -20.33
CA ASP A 48 -11.11 8.02 -20.11
C ASP A 48 -11.15 6.54 -19.78
N ILE A 49 -10.41 5.76 -20.53
CA ILE A 49 -10.35 4.29 -20.33
C ILE A 49 -9.81 3.94 -18.93
N LEU A 50 -8.75 4.63 -18.52
CA LEU A 50 -8.19 4.39 -17.19
C LEU A 50 -9.13 4.80 -16.05
N ARG A 51 -9.81 5.92 -16.19
CA ARG A 51 -10.80 6.37 -15.21
C ARG A 51 -11.85 5.28 -15.02
N ASP A 52 -12.36 4.76 -16.15
N ASP A 52 -12.34 4.75 -16.14
CA ASP A 52 -13.37 3.71 -16.14
CA ASP A 52 -13.38 3.74 -16.10
C ASP A 52 -12.84 2.47 -15.45
C ASP A 52 -12.88 2.42 -15.53
N ILE A 53 -11.64 2.02 -15.83
CA ILE A 53 -11.11 0.78 -15.32
C ILE A 53 -10.90 0.89 -13.79
N ALA A 54 -10.38 2.05 -13.34
CA ALA A 54 -10.10 2.29 -11.90
C ALA A 54 -11.43 2.11 -11.12
N THR A 55 -12.45 2.83 -11.58
CA THR A 55 -13.77 2.81 -10.99
C THR A 55 -14.34 1.40 -10.95
N GLN A 56 -14.23 0.72 -12.09
CA GLN A 56 -14.70 -0.67 -12.26
C GLN A 56 -14.00 -1.67 -11.35
N ASN A 57 -12.80 -1.33 -10.86
CA ASN A 57 -12.07 -2.17 -9.92
C ASN A 57 -12.09 -1.65 -8.50
N GLY A 58 -12.99 -0.72 -8.24
CA GLY A 58 -13.20 -0.26 -6.88
C GLY A 58 -12.08 0.64 -6.38
N LEU A 59 -11.39 1.28 -7.31
CA LEU A 59 -10.33 2.21 -7.01
C LEU A 59 -10.78 3.62 -7.30
N GLU A 60 -10.16 4.55 -6.61
CA GLU A 60 -10.34 5.99 -6.81
C GLU A 60 -9.14 6.47 -7.62
N LEU A 61 -9.38 7.04 -8.80
CA LEU A 61 -8.27 7.59 -9.56
C LEU A 61 -8.09 9.01 -9.10
N VAL A 62 -7.19 9.19 -8.17
CA VAL A 62 -6.94 10.48 -7.54
C VAL A 62 -6.33 11.45 -8.53
N ALA A 63 -5.40 10.98 -9.35
CA ALA A 63 -4.74 11.86 -10.30
C ALA A 63 -4.19 10.98 -11.40
N LEU A 64 -4.03 11.57 -12.58
CA LEU A 64 -3.45 10.84 -13.69
C LEU A 64 -2.68 11.76 -14.59
N GLU A 65 -1.51 11.31 -15.03
CA GLU A 65 -0.81 12.03 -16.07
C GLU A 65 -0.39 11.05 -17.13
N VAL A 66 -0.63 11.42 -18.37
CA VAL A 66 -0.27 10.58 -19.51
C VAL A 66 0.82 11.28 -20.29
N MET A 67 2.01 10.69 -20.34
CA MET A 67 3.06 11.20 -21.19
C MET A 67 3.02 10.40 -22.46
N PRO A 68 3.75 10.85 -23.46
CA PRO A 68 3.74 10.15 -24.74
C PRO A 68 4.15 8.66 -24.69
N ASP A 69 5.03 8.31 -23.76
CA ASP A 69 5.54 6.98 -23.58
C ASP A 69 5.29 6.37 -22.20
N TYR A 70 4.56 7.06 -21.32
CA TYR A 70 4.19 6.46 -20.09
C TYR A 70 3.00 7.09 -19.42
N VAL A 71 2.46 6.32 -18.49
CA VAL A 71 1.38 6.76 -17.63
C VAL A 71 1.78 6.74 -16.15
N HIS A 72 1.25 7.72 -15.43
CA HIS A 72 1.41 7.85 -14.01
C HIS A 72 0.04 8.08 -13.35
N LEU A 73 -0.40 7.08 -12.62
CA LEU A 73 -1.66 7.12 -11.86
C LEU A 73 -1.38 7.31 -10.39
N LEU A 74 -2.28 8.01 -9.72
CA LEU A 74 -2.34 7.98 -8.29
C LEU A 74 -3.69 7.41 -7.90
N LEU A 75 -3.66 6.26 -7.25
CA LEU A 75 -4.81 5.40 -6.93
C LEU A 75 -5.07 5.38 -5.43
N GLY A 76 -6.33 5.61 -5.06
CA GLY A 76 -6.79 5.42 -3.68
C GLY A 76 -7.40 4.01 -3.63
N ALA A 77 -7.01 3.25 -2.62
CA ALA A 77 -7.41 1.85 -2.54
C ALA A 77 -7.85 1.53 -1.13
N THR A 78 -8.34 0.30 -0.98
CA THR A 78 -8.70 -0.29 0.31
C THR A 78 -7.69 -1.30 0.70
N PRO A 79 -7.66 -1.64 1.97
CA PRO A 79 -6.66 -2.63 2.38
C PRO A 79 -6.73 -3.94 1.61
N GLN A 80 -7.96 -4.31 1.21
CA GLN A 80 -8.19 -5.60 0.60
C GLN A 80 -7.75 -5.60 -0.86
N HIS A 81 -7.51 -4.45 -1.43
CA HIS A 81 -6.98 -4.38 -2.82
C HIS A 81 -5.55 -4.94 -2.84
N VAL A 82 -5.32 -5.81 -3.79
CA VAL A 82 -3.98 -6.42 -3.97
C VAL A 82 -3.33 -5.82 -5.22
N ILE A 83 -2.18 -5.19 -5.00
CA ILE A 83 -1.52 -4.39 -6.02
C ILE A 83 -1.36 -5.14 -7.36
N PRO A 84 -0.75 -6.33 -7.37
CA PRO A 84 -0.57 -7.02 -8.65
C PRO A 84 -1.84 -7.32 -9.38
N ASP A 85 -2.94 -7.50 -8.66
CA ASP A 85 -4.23 -7.78 -9.30
C ASP A 85 -4.72 -6.57 -9.99
N PHE A 86 -4.70 -5.43 -9.31
CA PHE A 86 -5.21 -4.27 -9.96
C PHE A 86 -4.27 -3.69 -11.02
N VAL A 87 -2.97 -3.88 -10.86
CA VAL A 87 -2.03 -3.57 -11.94
C VAL A 87 -2.30 -4.33 -13.22
N LYS A 88 -2.49 -5.63 -13.07
CA LYS A 88 -2.87 -6.47 -14.17
C LYS A 88 -4.17 -6.05 -14.82
N ALA A 89 -5.17 -5.71 -14.00
CA ALA A 89 -6.45 -5.18 -14.50
C ALA A 89 -6.28 -3.89 -15.26
N LEU A 90 -5.55 -2.94 -14.68
CA LEU A 90 -5.37 -1.66 -15.29
C LEU A 90 -4.59 -1.75 -16.63
N LYS A 91 -3.50 -2.47 -16.59
CA LYS A 91 -2.63 -2.63 -17.79
C LYS A 91 -3.33 -3.47 -18.86
N GLY A 92 -3.90 -4.60 -18.45
CA GLY A 92 -4.53 -5.52 -19.38
C GLY A 92 -5.79 -4.97 -20.01
N ALA A 93 -6.69 -4.46 -19.20
CA ALA A 93 -7.91 -3.90 -19.75
C ALA A 93 -7.64 -2.62 -20.56
N SER A 94 -6.69 -1.82 -20.14
CA SER A 94 -6.37 -0.61 -20.89
C SER A 94 -5.80 -0.97 -22.25
N ALA A 95 -4.95 -2.00 -22.34
CA ALA A 95 -4.38 -2.42 -23.60
C ALA A 95 -5.50 -2.89 -24.54
N ARG A 96 -6.39 -3.72 -24.02
CA ARG A 96 -7.50 -4.21 -24.81
C ARG A 96 -8.37 -3.10 -25.35
N ARG A 97 -8.75 -2.19 -24.48
CA ARG A 97 -9.67 -1.17 -24.89
C ARG A 97 -9.03 -0.17 -25.79
N MET A 98 -7.74 0.08 -25.59
CA MET A 98 -7.02 1.00 -26.48
C MET A 98 -6.84 0.43 -27.85
N PHE A 99 -6.52 -0.86 -27.96
CA PHE A 99 -6.42 -1.49 -29.25
C PHE A 99 -7.75 -1.50 -29.97
N SER A 100 -8.84 -1.61 -29.23
N SER A 100 -8.83 -1.62 -29.21
CA SER A 100 -10.16 -1.53 -29.86
CA SER A 100 -10.16 -1.52 -29.79
C SER A 100 -10.49 -0.11 -30.34
C SER A 100 -10.46 -0.12 -30.32
N ALA A 101 -10.20 0.87 -29.50
CA ALA A 101 -10.48 2.26 -29.87
C ALA A 101 -9.50 2.78 -30.92
N PHE A 102 -8.26 2.31 -30.88
CA PHE A 102 -7.19 2.78 -31.77
C PHE A 102 -6.45 1.58 -32.35
N PRO A 103 -7.06 0.94 -33.36
CA PRO A 103 -6.37 -0.19 -34.01
C PRO A 103 -4.98 0.16 -34.58
N HIS A 104 -4.72 1.43 -34.87
CA HIS A 104 -3.37 1.80 -35.37
C HIS A 104 -2.25 1.49 -34.36
N LEU A 105 -2.58 1.34 -33.09
CA LEU A 105 -1.57 0.99 -32.07
C LEU A 105 -1.09 -0.44 -32.19
N LYS A 106 -1.86 -1.28 -32.91
CA LYS A 106 -1.41 -2.63 -33.21
C LYS A 106 -0.32 -2.53 -34.27
N GLN A 107 0.89 -2.52 -33.78
CA GLN A 107 2.07 -2.34 -34.63
C GLN A 107 3.07 -3.36 -34.17
N PRO A 108 3.05 -4.57 -34.76
CA PRO A 108 4.00 -5.63 -34.41
C PRO A 108 5.47 -5.16 -34.48
N HIS A 109 5.77 -4.20 -35.33
CA HIS A 109 7.13 -3.60 -35.39
C HIS A 109 7.57 -3.06 -34.02
N TRP A 110 6.61 -2.50 -33.30
CA TRP A 110 6.77 -1.97 -31.95
C TRP A 110 6.24 -2.90 -30.83
N GLY A 111 6.22 -4.22 -31.10
CA GLY A 111 5.71 -5.21 -30.15
C GLY A 111 4.25 -4.97 -29.78
N GLY A 112 3.58 -4.17 -30.62
CA GLY A 112 2.18 -3.75 -30.38
C GLY A 112 1.97 -2.63 -29.36
N ASN A 113 3.05 -1.92 -28.95
CA ASN A 113 3.03 -0.72 -28.02
C ASN A 113 2.51 -0.91 -26.52
N LEU A 114 1.42 -1.61 -26.39
CA LEU A 114 0.83 -1.58 -25.17
C LEU A 114 1.13 -2.93 -24.61
N TRP A 115 1.96 -3.05 -23.55
CA TRP A 115 2.70 -2.03 -22.77
C TRP A 115 4.08 -2.67 -22.51
N ASN A 116 5.03 -1.93 -21.99
CA ASN A 116 6.20 -2.56 -21.39
C ASN A 116 5.74 -3.51 -20.25
N PRO A 117 6.34 -4.70 -20.12
CA PRO A 117 5.80 -5.66 -19.11
C PRO A 117 5.91 -5.23 -17.64
N SER A 118 6.78 -4.27 -17.38
CA SER A 118 7.10 -3.82 -16.04
C SER A 118 6.12 -2.77 -15.50
N TYR A 119 6.11 -2.59 -14.19
CA TYR A 119 5.43 -1.44 -13.61
C TYR A 119 6.25 -0.94 -12.46
N CYS A 120 5.93 0.25 -12.03
CA CYS A 120 6.57 0.80 -10.86
C CYS A 120 5.46 1.22 -9.92
N VAL A 121 5.56 0.83 -8.65
CA VAL A 121 4.54 1.19 -7.69
C VAL A 121 5.19 1.78 -6.45
N LEU A 122 4.73 2.95 -6.06
CA LEU A 122 5.36 3.71 -5.03
C LEU A 122 4.34 4.30 -4.10
N THR A 123 4.58 4.22 -2.81
CA THR A 123 3.86 5.07 -1.91
C THR A 123 4.51 6.46 -1.94
N VAL A 124 3.72 7.46 -1.57
CA VAL A 124 4.15 8.88 -1.52
C VAL A 124 5.46 9.10 -0.74
N SER A 125 6.36 9.92 -1.29
CA SER A 125 7.55 10.39 -0.55
C SER A 125 8.07 11.68 -1.19
N GLU A 126 9.10 12.26 -0.60
CA GLU A 126 9.72 13.45 -1.16
C GLU A 126 10.49 13.16 -2.45
N HIS A 127 10.74 11.89 -2.75
CA HIS A 127 11.54 11.45 -3.89
C HIS A 127 10.70 10.95 -5.08
N THR A 128 9.39 11.00 -4.98
CA THR A 128 8.53 10.41 -6.01
C THR A 128 8.87 10.84 -7.43
N ARG A 129 9.08 12.13 -7.66
CA ARG A 129 9.34 12.64 -9.02
C ARG A 129 10.60 11.99 -9.58
N ALA A 130 11.62 11.97 -8.75
CA ALA A 130 12.91 11.42 -9.12
C ALA A 130 12.87 9.91 -9.35
N GLN A 131 12.11 9.24 -8.51
CA GLN A 131 11.88 7.80 -8.60
C GLN A 131 11.27 7.45 -9.93
N ILE A 132 10.25 8.22 -10.32
CA ILE A 132 9.58 7.99 -11.58
C ILE A 132 10.50 8.27 -12.74
N GLN A 133 11.26 9.36 -12.68
CA GLN A 133 12.17 9.68 -13.78
C GLN A 133 13.23 8.58 -13.92
N GLN A 134 13.81 8.14 -12.80
CA GLN A 134 14.74 7.01 -12.79
C GLN A 134 14.15 5.76 -13.45
N TYR A 135 12.95 5.42 -13.03
CA TYR A 135 12.32 4.22 -13.49
C TYR A 135 12.10 4.28 -15.01
N ILE A 136 11.54 5.38 -15.50
CA ILE A 136 11.29 5.54 -16.96
C ILE A 136 12.58 5.55 -17.76
N GLU A 137 13.58 6.25 -17.25
CA GLU A 137 14.88 6.29 -17.92
C GLU A 137 15.54 4.91 -17.99
N ASN A 138 15.25 4.02 -17.04
CA ASN A 138 15.77 2.64 -17.06
C ASN A 138 15.04 1.71 -18.03
N GLN A 139 13.92 2.17 -18.60
CA GLN A 139 13.23 1.43 -19.63
C GLN A 139 13.87 1.87 -20.95
N HIS A 140 14.42 0.93 -21.71
CA HIS A 140 15.16 1.34 -22.92
C HIS A 140 14.27 1.41 -24.15
N ALA A 141 14.61 2.35 -25.02
CA ALA A 141 13.67 2.94 -25.95
C ALA A 141 13.84 2.50 -27.42
N ALA A 142 14.21 1.23 -27.66
CA ALA A 142 14.53 0.77 -29.02
C ALA A 142 13.28 0.67 -29.90
N MET B 13 14.14 2.48 -3.91
CA MET B 13 13.28 1.50 -4.64
C MET B 13 13.94 0.12 -4.74
N LYS B 14 13.11 -0.92 -4.66
CA LYS B 14 13.56 -2.29 -4.84
C LYS B 14 13.04 -2.83 -6.15
N LYS B 15 13.71 -3.81 -6.69
CA LYS B 15 13.30 -4.33 -7.99
C LYS B 15 13.00 -5.81 -7.87
N GLY B 16 11.79 -6.21 -8.28
CA GLY B 16 11.38 -7.58 -8.28
C GLY B 16 11.23 -8.07 -9.71
N ARG B 17 10.59 -9.21 -9.87
CA ARG B 17 10.43 -9.78 -11.25
C ARG B 17 9.28 -9.13 -12.00
N GLY B 18 9.60 -8.16 -12.86
CA GLY B 18 8.59 -7.38 -13.64
C GLY B 18 8.12 -6.13 -12.97
N TYR B 19 8.82 -5.69 -11.91
CA TYR B 19 8.37 -4.54 -11.19
C TYR B 19 9.44 -3.88 -10.34
N VAL B 20 9.20 -2.59 -10.13
CA VAL B 20 9.96 -1.77 -9.26
C VAL B 20 9.00 -1.20 -8.23
N TYR B 21 9.46 -1.10 -7.00
CA TYR B 21 8.58 -0.65 -5.94
C TYR B 21 9.28 -0.08 -4.72
N LYS B 22 8.52 0.75 -4.03
CA LYS B 22 8.83 1.15 -2.69
C LYS B 22 7.49 1.45 -2.04
N LEU B 23 7.20 0.64 -1.04
CA LEU B 23 5.89 0.63 -0.40
C LEU B 23 6.03 0.66 1.09
N GLU B 24 5.52 1.71 1.73
CA GLU B 24 5.59 1.81 3.18
C GLU B 24 4.20 2.08 3.68
N TYR B 25 3.88 1.42 4.78
CA TYR B 25 2.59 1.58 5.41
C TYR B 25 2.79 1.90 6.87
N HIS B 26 2.12 2.95 7.35
CA HIS B 26 1.92 3.16 8.76
C HIS B 26 0.79 2.25 9.24
N LEU B 27 1.03 1.51 10.32
CA LEU B 27 0.04 0.58 10.84
C LEU B 27 -0.07 0.76 12.32
N ILE B 28 -1.29 1.02 12.74
CA ILE B 28 -1.58 1.44 14.11
C ILE B 28 -2.70 0.57 14.69
N TRP B 29 -2.56 0.18 15.95
CA TRP B 29 -3.65 -0.45 16.67
C TRP B 29 -3.41 -0.22 18.16
N ALA B 30 -4.52 -0.27 18.90
CA ALA B 30 -4.56 -0.02 20.34
C ALA B 30 -4.73 -1.29 21.16
N THR B 31 -4.43 -1.18 22.45
CA THR B 31 -4.82 -2.16 23.42
C THR B 31 -6.31 -2.08 23.59
N LYS B 32 -6.86 -3.16 24.14
CA LYS B 32 -8.27 -3.19 24.46
C LYS B 32 -8.60 -2.13 25.50
N TYR B 33 -9.62 -1.32 25.20
CA TYR B 33 -10.06 -0.23 26.09
C TYR B 33 -9.00 0.81 26.31
N ARG B 34 -7.99 0.82 25.44
CA ARG B 34 -6.82 1.64 25.63
C ARG B 34 -6.18 1.46 27.03
N HIS B 35 -6.22 0.25 27.58
CA HIS B 35 -5.56 -0.05 28.87
C HIS B 35 -4.07 0.26 28.68
N GLN B 36 -3.49 1.01 29.60
CA GLN B 36 -2.12 1.50 29.44
C GLN B 36 -1.10 0.51 29.97
N VAL B 37 -0.97 -0.62 29.28
CA VAL B 37 -0.16 -1.78 29.74
C VAL B 37 1.20 -1.90 29.07
N LEU B 38 1.41 -1.18 27.96
CA LEU B 38 2.61 -1.33 27.14
C LEU B 38 3.64 -0.39 27.70
N VAL B 39 4.17 -0.76 28.87
CA VAL B 39 5.14 0.09 29.56
C VAL B 39 6.36 -0.70 29.99
N ASP B 40 7.48 0.01 30.08
CA ASP B 40 8.71 -0.54 30.61
C ASP B 40 9.06 -1.84 29.91
N GLU B 41 9.28 -2.92 30.64
CA GLU B 41 9.75 -4.19 30.05
C GLU B 41 8.72 -4.81 29.10
N VAL B 42 7.47 -4.48 29.31
CA VAL B 42 6.40 -4.96 28.47
C VAL B 42 6.49 -4.31 27.11
N ALA B 43 6.65 -2.99 27.09
CA ALA B 43 6.87 -2.26 25.87
C ALA B 43 8.13 -2.76 25.20
N ASP B 44 9.19 -2.96 25.97
CA ASP B 44 10.47 -3.44 25.41
C ASP B 44 10.35 -4.79 24.77
N GLY B 45 9.62 -5.70 25.42
CA GLY B 45 9.38 -7.05 24.88
C GLY B 45 8.55 -7.03 23.62
N LEU B 46 7.54 -6.19 23.61
CA LEU B 46 6.69 -6.04 22.42
C LEU B 46 7.49 -5.56 21.21
N LYS B 47 8.43 -4.65 21.40
CA LYS B 47 9.25 -4.17 20.27
C LYS B 47 10.05 -5.33 19.69
N ASP B 48 10.63 -6.14 20.55
CA ASP B 48 11.38 -7.29 20.08
C ASP B 48 10.49 -8.25 19.33
N ILE B 49 9.36 -8.55 19.92
CA ILE B 49 8.36 -9.44 19.30
C ILE B 49 7.88 -8.93 17.93
N LEU B 50 7.52 -7.66 17.86
CA LEU B 50 7.12 -7.08 16.59
C LEU B 50 8.23 -7.07 15.50
N ARG B 51 9.45 -6.77 15.87
CA ARG B 51 10.59 -6.83 14.96
C ARG B 51 10.70 -8.21 14.35
N ASP B 52 10.59 -9.21 15.23
CA ASP B 52 10.66 -10.62 14.83
CA ASP B 52 10.70 -10.59 14.80
C ASP B 52 9.55 -10.97 13.89
N ILE B 53 8.32 -10.58 14.24
CA ILE B 53 7.18 -10.99 13.44
C ILE B 53 7.25 -10.33 12.06
N ALA B 54 7.65 -9.05 12.03
CA ALA B 54 7.75 -8.30 10.75
C ALA B 54 8.71 -9.09 9.83
N THR B 55 9.89 -9.39 10.34
CA THR B 55 10.94 -10.13 9.66
C THR B 55 10.43 -11.47 9.14
N GLN B 56 9.76 -12.19 10.02
CA GLN B 56 9.22 -13.53 9.72
C GLN B 56 8.13 -13.49 8.68
N ASN B 57 7.50 -12.33 8.46
CA ASN B 57 6.49 -12.18 7.39
C ASN B 57 7.00 -11.43 6.18
N GLY B 58 8.31 -11.33 6.09
CA GLY B 58 8.94 -10.74 4.94
C GLY B 58 8.76 -9.23 4.83
N LEU B 59 8.54 -8.58 5.96
CA LEU B 59 8.36 -7.13 6.03
C LEU B 59 9.61 -6.49 6.61
N GLU B 60 9.83 -5.22 6.28
CA GLU B 60 10.92 -4.43 6.85
C GLU B 60 10.25 -3.56 7.91
N LEU B 61 10.66 -3.66 9.17
CA LEU B 61 10.12 -2.75 10.17
C LEU B 61 10.99 -1.51 10.13
N VAL B 62 10.53 -0.50 9.43
CA VAL B 62 11.28 0.73 9.21
C VAL B 62 11.36 1.56 10.49
N ALA B 63 10.26 1.65 11.21
CA ALA B 63 10.24 2.35 12.47
C ALA B 63 9.12 1.79 13.32
N LEU B 64 9.25 1.98 14.62
CA LEU B 64 8.24 1.55 15.55
C LEU B 64 8.17 2.46 16.73
N GLU B 65 6.96 2.80 17.14
CA GLU B 65 6.79 3.43 18.45
C GLU B 65 5.73 2.69 19.21
N VAL B 66 5.97 2.46 20.48
CA VAL B 66 5.03 1.79 21.36
C VAL B 66 4.65 2.78 22.41
N MET B 67 3.37 3.15 22.45
CA MET B 67 2.82 4.01 23.49
CA MET B 67 2.87 4.01 23.50
C MET B 67 2.15 3.09 24.49
N PRO B 68 1.83 3.62 25.67
CA PRO B 68 1.24 2.75 26.68
C PRO B 68 -0.05 2.02 26.24
N ASP B 69 -0.82 2.62 25.36
CA ASP B 69 -2.06 2.04 24.87
C ASP B 69 -2.14 1.82 23.36
N TYR B 70 -1.04 2.04 22.62
CA TYR B 70 -1.04 1.70 21.24
C TYR B 70 0.33 1.58 20.62
N VAL B 71 0.32 0.97 19.45
CA VAL B 71 1.51 0.79 18.68
C VAL B 71 1.38 1.43 17.32
N HIS B 72 2.50 1.95 16.84
CA HIS B 72 2.57 2.54 15.54
C HIS B 72 3.81 2.03 14.82
N LEU B 73 3.58 1.25 13.79
CA LEU B 73 4.64 0.67 12.95
C LEU B 73 4.70 1.38 11.63
N LEU B 74 5.90 1.48 11.11
CA LEU B 74 6.11 1.81 9.73
C LEU B 74 6.79 0.62 9.07
N LEU B 75 6.11 0.05 8.10
CA LEU B 75 6.40 -1.26 7.47
C LEU B 75 6.75 -1.08 6.00
N GLY B 76 7.89 -1.64 5.55
CA GLY B 76 8.23 -1.68 4.13
C GLY B 76 7.75 -3.05 3.62
N ALA B 77 7.07 -3.03 2.49
CA ALA B 77 6.46 -4.22 1.93
C ALA B 77 6.74 -4.32 0.46
N THR B 78 6.36 -5.50 -0.07
CA THR B 78 6.32 -5.84 -1.50
C THR B 78 4.92 -5.75 -2.02
N PRO B 79 4.79 -5.61 -3.34
CA PRO B 79 3.46 -5.52 -3.94
C PRO B 79 2.59 -6.69 -3.55
N GLN B 80 3.21 -7.88 -3.39
CA GLN B 80 2.47 -9.11 -3.18
C GLN B 80 2.01 -9.24 -1.74
N HIS B 81 2.51 -8.39 -0.86
CA HIS B 81 2.03 -8.44 0.55
C HIS B 81 0.62 -7.87 0.60
N VAL B 82 -0.23 -8.58 1.31
CA VAL B 82 -1.65 -8.23 1.41
C VAL B 82 -1.88 -7.69 2.82
N ILE B 83 -2.30 -6.43 2.90
CA ILE B 83 -2.36 -5.72 4.17
C ILE B 83 -3.14 -6.51 5.28
N PRO B 84 -4.41 -6.93 5.03
CA PRO B 84 -5.12 -7.68 6.06
C PRO B 84 -4.43 -8.92 6.55
N ASP B 85 -3.66 -9.56 5.69
CA ASP B 85 -2.97 -10.78 6.05
C ASP B 85 -1.88 -10.44 7.02
N PHE B 86 -1.08 -9.44 6.69
CA PHE B 86 0.02 -9.12 7.56
C PHE B 86 -0.40 -8.42 8.87
N VAL B 87 -1.47 -7.66 8.81
CA VAL B 87 -2.11 -7.12 10.03
C VAL B 87 -2.52 -8.22 10.98
N LYS B 88 -3.25 -9.20 10.45
CA LYS B 88 -3.64 -10.33 11.25
C LYS B 88 -2.44 -11.07 11.81
N ALA B 89 -1.41 -11.25 11.02
CA ALA B 89 -0.17 -11.89 11.51
C ALA B 89 0.46 -11.11 12.65
N LEU B 90 0.63 -9.79 12.46
CA LEU B 90 1.29 -8.94 13.41
C LEU B 90 0.49 -8.89 14.73
N LYS B 91 -0.79 -8.68 14.62
CA LYS B 91 -1.66 -8.50 15.80
C LYS B 91 -1.81 -9.84 16.51
N GLY B 92 -2.11 -10.87 15.75
CA GLY B 92 -2.32 -12.21 16.29
C GLY B 92 -1.10 -12.81 16.91
N ALA B 93 -0.01 -12.83 16.20
CA ALA B 93 1.21 -13.41 16.77
C ALA B 93 1.78 -12.58 17.91
N SER B 94 1.65 -11.26 17.83
CA SER B 94 2.09 -10.38 18.92
C SER B 94 1.30 -10.62 20.19
N ALA B 95 -0.01 -10.81 20.08
CA ALA B 95 -0.85 -11.09 21.24
C ALA B 95 -0.42 -12.43 21.87
N ARG B 96 -0.28 -13.45 21.04
CA ARG B 96 0.13 -14.75 21.54
C ARG B 96 1.46 -14.71 22.22
N ARG B 97 2.43 -14.07 21.60
CA ARG B 97 3.75 -14.06 22.19
C ARG B 97 3.83 -13.18 23.42
N MET B 98 3.02 -12.13 23.47
CA MET B 98 3.06 -11.25 24.62
C MET B 98 2.38 -11.91 25.79
N PHE B 99 1.29 -12.65 25.57
CA PHE B 99 0.64 -13.40 26.64
C PHE B 99 1.57 -14.45 27.22
N SER B 100 2.38 -15.03 26.35
N SER B 100 2.39 -15.04 26.36
CA SER B 100 3.38 -15.98 26.78
CA SER B 100 3.39 -16.02 26.80
C SER B 100 4.49 -15.34 27.59
C SER B 100 4.50 -15.34 27.61
N ALA B 101 5.00 -14.23 27.11
CA ALA B 101 6.08 -13.52 27.80
C ALA B 101 5.57 -12.85 29.08
N PHE B 102 4.31 -12.37 29.07
CA PHE B 102 3.76 -11.55 30.14
C PHE B 102 2.36 -12.04 30.47
N PRO B 103 2.30 -13.16 31.18
CA PRO B 103 0.98 -13.70 31.57
C PRO B 103 0.09 -12.72 32.34
N HIS B 104 0.67 -11.74 33.02
CA HIS B 104 -0.12 -10.75 33.74
C HIS B 104 -1.05 -9.97 32.78
N LEU B 105 -0.72 -9.93 31.50
CA LEU B 105 -1.59 -9.25 30.55
C LEU B 105 -2.91 -9.96 30.32
N LYS B 106 -2.98 -11.24 30.68
CA LYS B 106 -4.24 -11.99 30.68
C LYS B 106 -5.09 -11.49 31.82
N GLN B 107 -5.95 -10.56 31.46
CA GLN B 107 -6.79 -9.87 32.43
C GLN B 107 -8.15 -9.80 31.80
N PRO B 108 -9.01 -10.82 32.00
CA PRO B 108 -10.40 -10.82 31.50
C PRO B 108 -11.22 -9.56 31.87
N HIS B 109 -10.91 -8.95 33.01
CA HIS B 109 -11.52 -7.66 33.37
C HIS B 109 -11.32 -6.60 32.24
N TRP B 110 -10.16 -6.66 31.61
CA TRP B 110 -9.79 -5.80 30.48
C TRP B 110 -9.87 -6.51 29.12
N GLY B 111 -10.77 -7.50 29.02
CA GLY B 111 -10.92 -8.32 27.80
C GLY B 111 -9.63 -9.00 27.36
N GLY B 112 -8.68 -9.08 28.29
CA GLY B 112 -7.32 -9.63 28.04
C GLY B 112 -6.33 -8.69 27.36
N ASN B 113 -6.65 -7.38 27.25
CA ASN B 113 -5.77 -6.29 26.68
C ASN B 113 -5.33 -6.32 25.16
N LEU B 114 -4.94 -7.49 24.71
CA LEU B 114 -4.34 -7.52 23.48
C LEU B 114 -5.40 -8.12 22.65
N TRP B 115 -6.01 -7.36 21.71
CA TRP B 115 -5.81 -5.96 21.33
C TRP B 115 -7.21 -5.45 21.01
N ASN B 116 -7.39 -4.17 20.79
CA ASN B 116 -8.60 -3.66 20.18
C ASN B 116 -8.76 -4.30 18.78
N PRO B 117 -9.98 -4.72 18.37
CA PRO B 117 -10.11 -5.43 17.08
C PRO B 117 -9.75 -4.65 15.81
N SER B 118 -9.74 -3.33 15.94
CA SER B 118 -9.56 -2.43 14.82
C SER B 118 -8.09 -2.17 14.51
N TYR B 119 -7.81 -1.72 13.32
CA TYR B 119 -6.45 -1.23 13.03
C TYR B 119 -6.61 -0.05 12.12
N CYS B 120 -5.55 0.71 12.02
CA CYS B 120 -5.52 1.86 11.13
C CYS B 120 -4.31 1.71 10.23
N VAL B 121 -4.49 1.82 8.93
CA VAL B 121 -3.39 1.71 7.97
C VAL B 121 -3.41 2.89 7.02
N LEU B 122 -2.25 3.51 6.92
CA LEU B 122 -2.09 4.75 6.21
C LEU B 122 -0.82 4.76 5.38
N THR B 123 -0.92 5.23 4.15
CA THR B 123 0.29 5.60 3.43
C THR B 123 0.70 6.99 3.92
N VAL B 124 1.98 7.28 3.76
CA VAL B 124 2.58 8.57 4.13
C VAL B 124 1.77 9.77 3.63
N SER B 125 1.52 10.74 4.51
CA SER B 125 1.12 12.08 4.07
C SER B 125 1.57 13.14 5.07
N GLU B 126 1.22 14.39 4.78
CA GLU B 126 1.51 15.49 5.71
C GLU B 126 0.65 15.44 6.99
N HIS B 127 -0.40 14.61 6.99
CA HIS B 127 -1.38 14.58 8.07
C HIS B 127 -1.30 13.32 8.93
N THR B 128 -0.32 12.49 8.68
CA THR B 128 -0.19 11.24 9.38
C THR B 128 -0.35 11.40 10.86
N ARG B 129 0.24 12.44 11.42
CA ARG B 129 0.29 12.57 12.88
C ARG B 129 -1.12 12.81 13.41
N ALA B 130 -1.83 13.71 12.75
CA ALA B 130 -3.21 14.04 13.12
C ALA B 130 -4.16 12.86 12.90
N GLN B 131 -3.94 12.13 11.82
CA GLN B 131 -4.71 10.93 11.51
C GLN B 131 -4.57 9.89 12.59
N ILE B 132 -3.35 9.65 13.03
CA ILE B 132 -3.12 8.69 14.09
C ILE B 132 -3.77 9.18 15.39
N GLN B 133 -3.62 10.45 15.69
CA GLN B 133 -4.26 11.00 16.91
C GLN B 133 -5.80 10.86 16.87
N GLN B 134 -6.42 11.24 15.75
CA GLN B 134 -7.87 11.04 15.54
C GLN B 134 -8.27 9.59 15.79
N TYR B 135 -7.57 8.69 15.13
CA TYR B 135 -7.87 7.28 15.20
C TYR B 135 -7.83 6.78 16.65
N ILE B 136 -6.75 7.09 17.36
CA ILE B 136 -6.62 6.64 18.76
C ILE B 136 -7.64 7.25 19.69
N GLU B 137 -7.85 8.54 19.55
CA GLU B 137 -8.87 9.22 20.34
C GLU B 137 -10.26 8.67 20.07
N ASN B 138 -10.50 8.11 18.88
CA ASN B 138 -11.81 7.50 18.55
C ASN B 138 -11.99 6.10 19.11
N GLN B 139 -10.93 5.50 19.64
CA GLN B 139 -11.04 4.27 20.42
C GLN B 139 -11.36 4.70 21.88
N HIS B 140 -12.46 4.24 22.44
CA HIS B 140 -12.86 4.77 23.75
C HIS B 140 -12.36 3.92 24.93
N ALA B 141 -11.78 4.62 25.90
CA ALA B 141 -11.05 4.01 26.98
C ALA B 141 -11.97 3.71 28.17
N ALA B 142 -11.98 2.44 28.62
CA ALA B 142 -12.76 2.04 29.82
C ALA B 142 -12.16 2.69 31.05
C1 GOL C . -14.29 4.04 -6.18
O1 GOL C . -14.60 4.15 -7.56
C2 GOL C . -15.38 3.33 -5.40
O2 GOL C . -14.95 3.31 -4.05
C3 GOL C . -15.72 1.90 -5.90
O3 GOL C . -15.81 1.86 -7.32
C1 GOL D . 9.61 -3.90 -23.77
O1 GOL D . 10.16 -5.01 -23.10
C2 GOL D . 10.05 -2.65 -23.01
O2 GOL D . 8.94 -1.79 -22.80
C3 GOL D . 11.24 -1.98 -23.72
O3 GOL D . 11.52 -0.66 -23.28
C1 GOL E . 2.08 -6.22 -16.51
O1 GOL E . 3.00 -5.53 -15.66
C2 GOL E . 0.78 -6.60 -15.80
O2 GOL E . 1.14 -7.17 -14.53
C3 GOL E . -0.04 -7.56 -16.68
O3 GOL E . -1.19 -6.99 -17.34
C1 GOL F . -10.29 4.87 -2.02
O1 GOL F . -10.31 6.12 -1.35
C2 GOL F . -11.65 4.19 -2.03
O2 GOL F . -11.91 3.55 -0.80
C3 GOL F . -11.76 3.16 -3.17
O3 GOL F . -10.70 2.21 -3.18
C1 GOL G . -10.76 -1.89 22.10
O1 GOL G . -11.88 -2.39 22.81
C2 GOL G . -10.71 -0.34 21.99
O2 GOL G . -9.38 0.22 21.98
C3 GOL G . -11.68 0.31 23.00
O3 GOL G . -11.19 1.53 23.51
C1 GOL H . 12.45 -10.23 4.60
O1 GOL H . 12.22 -11.23 5.58
C2 GOL H . 13.14 -9.01 5.27
O2 GOL H . 12.56 -8.71 6.52
C3 GOL H . 13.14 -7.76 4.39
O3 GOL H . 12.64 -8.06 3.10
C1 GOL I . 11.67 -3.76 1.80
O1 GOL I . 11.07 -2.49 1.95
C2 GOL I . 10.67 -4.83 1.37
O2 GOL I . 11.26 -5.67 0.40
C3 GOL I . 10.30 -5.72 2.58
O3 GOL I . 9.12 -6.49 2.36
C1 GOL J . -6.72 -9.97 13.80
O1 GOL J . -5.52 -10.59 14.32
C2 GOL J . -6.60 -8.50 13.32
O2 GOL J . -7.01 -8.26 11.97
C3 GOL J . -7.49 -7.59 14.17
O3 GOL J . -7.63 -6.30 13.57
#